data_3IWR
#
_entry.id   3IWR
#
_cell.length_a   117.082
_cell.length_b   117.082
_cell.length_c   77.971
_cell.angle_alpha   90.00
_cell.angle_beta   90.00
_cell.angle_gamma   120.00
#
_symmetry.space_group_name_H-M   'P 65'
#
loop_
_entity.id
_entity.type
_entity.pdbx_description
1 polymer Chitinase
2 non-polymer '2-(N-MORPHOLINO)-ETHANESULFONIC ACID'
3 non-polymer (4S)-2-METHYL-2,4-PENTANEDIOL
4 water water
#
_entity_poly.entity_id   1
_entity_poly.type   'polypeptide(L)'
_entity_poly.pdbx_seq_one_letter_code
;MEQCGAQAGGARCPNCLCCSRWGWCGTTSDFCGDGCQSQCSGCGPTPTPTPPSPSDGVGSIVPRDLFERLLLHRNDGACP
ARGFYTYEAFLAAAAAFPAFGGTGNTETRKREVAAFLGQTSHETTGGWPTAPDGPFSWGYCFKQEQNPPSDYCQPSPEWP
CAPGRKYYGRGPIQLSFNFNYGPAGRAIGVDLLSNPDLVATDATVSFKTALWFWMTPQGNKPSSHDVITGRWAPSPADAA
AGRAPGYGVITNIVNGGLECGHGPDDRVANRIGFYQRYCGAFGIGTGGNLDCYNQRPFNSGSSVGLAEQ
;
_entity_poly.pdbx_strand_id   A,B
#
# COMPACT_ATOMS: atom_id res chain seq x y z
N ASP A 56 -8.43 39.89 -2.42
CA ASP A 56 -7.42 40.10 -3.51
C ASP A 56 -6.62 38.80 -3.71
N GLY A 57 -6.32 38.11 -2.59
CA GLY A 57 -5.59 36.83 -2.54
C GLY A 57 -5.96 35.95 -1.33
N VAL A 58 -5.34 34.77 -1.23
CA VAL A 58 -5.68 33.80 -0.16
C VAL A 58 -5.21 34.21 1.24
N GLY A 59 -4.24 35.12 1.30
CA GLY A 59 -3.85 35.73 2.57
C GLY A 59 -4.98 36.50 3.26
N SER A 60 -5.91 37.02 2.49
CA SER A 60 -7.05 37.72 3.07
C SER A 60 -8.04 36.77 3.80
N ILE A 61 -8.05 35.47 3.47
CA ILE A 61 -8.89 34.52 4.22
C ILE A 61 -8.15 33.59 5.20
N VAL A 62 -6.82 33.48 5.08
CA VAL A 62 -6.01 32.79 6.11
C VAL A 62 -4.81 33.66 6.47
N PRO A 63 -4.97 34.54 7.46
CA PRO A 63 -3.86 35.36 7.96
C PRO A 63 -2.84 34.52 8.72
N ARG A 64 -1.66 35.10 8.92
CA ARG A 64 -0.54 34.43 9.57
C ARG A 64 -0.88 33.73 10.89
N ASP A 65 -1.75 34.31 11.71
CA ASP A 65 -1.93 33.76 13.04
C ASP A 65 -2.80 32.49 12.96
N LEU A 66 -3.76 32.49 12.04
CA LEU A 66 -4.57 31.28 11.74
C LEU A 66 -3.71 30.14 11.18
N PHE A 67 -2.89 30.44 10.17
CA PHE A 67 -2.02 29.47 9.54
C PHE A 67 -1.06 28.81 10.54
N GLU A 68 -0.49 29.61 11.44
CA GLU A 68 0.46 29.07 12.45
C GLU A 68 -0.26 28.21 13.47
N ARG A 69 -1.54 28.50 13.69
CA ARG A 69 -2.32 27.77 14.67
C ARG A 69 -3.00 26.55 14.03
N LEU A 70 -3.27 26.63 12.74
CA LEU A 70 -3.71 25.47 11.98
C LEU A 70 -2.57 24.44 11.99
N LEU A 71 -1.35 24.87 11.70
CA LEU A 71 -0.21 23.97 11.63
C LEU A 71 0.70 24.21 12.85
N LEU A 72 0.09 24.03 14.02
CA LEU A 72 0.62 24.34 15.35
C LEU A 72 1.99 23.73 15.56
N HIS A 73 2.10 22.42 15.36
CA HIS A 73 3.29 21.71 15.78
C HIS A 73 4.29 21.35 14.66
N ARG A 74 3.97 21.61 13.41
CA ARG A 74 4.89 21.29 12.30
C ARG A 74 6.36 21.61 12.59
N ASN A 75 6.59 22.60 13.46
CA ASN A 75 7.95 23.07 13.76
C ASN A 75 8.56 22.55 15.07
N ASP A 76 7.91 21.60 15.73
CA ASP A 76 8.53 21.00 16.91
C ASP A 76 9.86 20.34 16.55
N GLY A 77 10.64 20.03 17.58
CA GLY A 77 11.98 19.47 17.42
C GLY A 77 11.97 18.05 16.91
N ALA A 78 10.84 17.36 17.08
CA ALA A 78 10.68 15.98 16.59
C ALA A 78 10.34 15.90 15.09
N CYS A 79 10.03 17.03 14.46
CA CYS A 79 9.63 17.07 13.05
C CYS A 79 10.80 17.27 12.09
N PRO A 80 11.13 16.28 11.27
CA PRO A 80 12.24 16.54 10.33
C PRO A 80 12.08 17.70 9.35
N ALA A 81 10.87 18.18 9.08
CA ALA A 81 10.69 19.23 8.06
C ALA A 81 10.65 20.63 8.68
N ARG A 82 10.83 20.72 9.99
CA ARG A 82 10.69 21.99 10.74
C ARG A 82 11.47 23.18 10.19
N GLY A 83 10.82 24.36 10.17
CA GLY A 83 11.37 25.56 9.52
C GLY A 83 11.19 25.61 8.00
N PHE A 84 10.75 24.50 7.37
CA PHE A 84 10.61 24.43 5.91
C PHE A 84 9.34 25.10 5.39
N TYR A 85 8.21 24.82 6.04
CA TYR A 85 6.91 25.25 5.53
C TYR A 85 6.58 26.60 6.14
N THR A 86 6.86 27.65 5.40
CA THR A 86 6.68 29.00 5.86
C THR A 86 5.38 29.57 5.30
N TYR A 87 4.75 30.45 6.07
CA TYR A 87 3.61 31.19 5.58
C TYR A 87 3.91 31.85 4.21
N GLU A 88 5.07 32.51 4.07
CA GLU A 88 5.44 33.17 2.80
C GLU A 88 5.48 32.18 1.63
N ALA A 89 5.95 30.96 1.90
CA ALA A 89 6.08 29.94 0.86
C ALA A 89 4.68 29.55 0.39
N PHE A 90 3.80 29.35 1.35
CA PHE A 90 2.40 29.05 1.09
C PHE A 90 1.78 30.11 0.14
N LEU A 91 1.90 31.40 0.48
CA LEU A 91 1.29 32.50 -0.35
C LEU A 91 1.90 32.58 -1.75
N ALA A 92 3.22 32.49 -1.86
CA ALA A 92 3.85 32.54 -3.17
C ALA A 92 3.35 31.40 -4.02
N ALA A 93 3.21 30.23 -3.41
CA ALA A 93 2.63 29.09 -4.11
C ALA A 93 1.17 29.39 -4.51
N ALA A 94 0.35 29.84 -3.56
CA ALA A 94 -1.08 30.16 -3.85
C ALA A 94 -1.21 31.22 -4.93
N ALA A 95 -0.33 32.22 -4.95
CA ALA A 95 -0.42 33.29 -5.96
C ALA A 95 -0.31 32.76 -7.37
N ALA A 96 0.39 31.63 -7.55
CA ALA A 96 0.50 30.99 -8.89
C ALA A 96 -0.75 30.18 -9.28
N PHE A 97 -1.68 30.01 -8.34
CA PHE A 97 -2.93 29.31 -8.59
C PHE A 97 -4.05 30.18 -8.00
N PRO A 98 -4.30 31.33 -8.63
CA PRO A 98 -5.26 32.24 -8.07
C PRO A 98 -6.66 31.64 -7.90
N ALA A 99 -7.00 30.61 -8.67
CA ALA A 99 -8.31 29.96 -8.47
C ALA A 99 -8.42 29.30 -7.08
N PHE A 100 -7.30 28.78 -6.57
CA PHE A 100 -7.24 28.24 -5.22
C PHE A 100 -7.57 29.31 -4.18
N GLY A 101 -8.57 29.03 -3.35
CA GLY A 101 -9.06 30.00 -2.38
C GLY A 101 -9.75 31.23 -2.94
N GLY A 102 -10.11 31.21 -4.23
CA GLY A 102 -10.67 32.39 -4.94
C GLY A 102 -11.83 32.00 -5.82
N THR A 103 -12.50 30.92 -5.42
CA THR A 103 -13.56 30.31 -6.18
C THR A 103 -14.70 29.93 -5.23
N GLY A 104 -15.65 30.84 -5.09
CA GLY A 104 -16.84 30.66 -4.26
C GLY A 104 -16.95 31.86 -3.39
N ASN A 105 -17.98 31.91 -2.56
CA ASN A 105 -18.06 32.94 -1.52
C ASN A 105 -16.97 32.72 -0.47
N THR A 106 -16.91 33.55 0.56
CA THR A 106 -15.87 33.42 1.58
C THR A 106 -15.88 32.07 2.27
N GLU A 107 -17.07 31.57 2.56
CA GLU A 107 -17.19 30.27 3.23
C GLU A 107 -16.54 29.16 2.39
N THR A 108 -16.99 28.99 1.14
CA THR A 108 -16.44 28.01 0.23
C THR A 108 -14.93 28.12 0.09
N ARG A 109 -14.42 29.35 0.02
CA ARG A 109 -12.98 29.62 -0.07
C ARG A 109 -12.25 29.10 1.14
N LYS A 110 -12.83 29.35 2.31
CA LYS A 110 -12.20 28.87 3.53
C LYS A 110 -12.23 27.33 3.55
N ARG A 111 -13.31 26.78 3.01
CA ARG A 111 -13.46 25.36 3.02
C ARG A 111 -12.35 24.73 2.11
N GLU A 112 -12.15 25.29 0.93
CA GLU A 112 -11.12 24.78 0.07
C GLU A 112 -9.74 24.74 0.78
N VAL A 113 -9.41 25.79 1.52
CA VAL A 113 -8.15 25.83 2.24
C VAL A 113 -8.11 24.80 3.37
N ALA A 114 -9.20 24.65 4.11
CA ALA A 114 -9.38 23.54 5.08
C ALA A 114 -9.15 22.16 4.47
N ALA A 115 -9.88 21.88 3.38
CA ALA A 115 -9.84 20.58 2.72
C ALA A 115 -8.43 20.26 2.20
N PHE A 116 -7.85 21.23 1.51
CA PHE A 116 -6.49 21.13 0.98
C PHE A 116 -5.51 20.84 2.09
N LEU A 117 -5.57 21.67 3.12
CA LEU A 117 -4.66 21.53 4.25
C LEU A 117 -4.92 20.23 4.99
N GLY A 118 -6.18 19.77 4.99
CA GLY A 118 -6.52 18.55 5.69
C GLY A 118 -5.93 17.32 5.01
N GLN A 119 -6.09 17.23 3.70
CA GLN A 119 -5.52 16.14 2.94
C GLN A 119 -3.99 16.17 3.02
N THR A 120 -3.36 17.29 2.74
CA THR A 120 -1.87 17.37 2.78
C THR A 120 -1.27 17.21 4.19
N SER A 121 -2.04 17.60 5.23
CA SER A 121 -1.65 17.38 6.61
C SER A 121 -1.56 15.89 6.89
N HIS A 122 -2.51 15.11 6.37
CA HIS A 122 -2.53 13.68 6.58
C HIS A 122 -1.31 13.02 5.93
N GLU A 123 -0.95 13.52 4.76
CA GLU A 123 0.15 12.89 4.05
C GLU A 123 1.51 13.19 4.71
N THR A 124 1.54 14.13 5.62
CA THR A 124 2.77 14.58 6.22
C THR A 124 2.71 14.58 7.76
N THR A 125 1.75 13.86 8.35
CA THR A 125 1.54 13.98 9.81
C THR A 125 2.64 13.33 10.65
N GLY A 126 2.96 13.96 11.77
CA GLY A 126 3.83 13.38 12.80
C GLY A 126 3.09 13.07 14.10
N GLY A 127 1.76 13.12 14.03
CA GLY A 127 0.86 12.93 15.15
C GLY A 127 0.82 11.52 15.69
N TRP A 128 0.16 11.39 16.83
CA TRP A 128 -0.06 10.13 17.53
C TRP A 128 -1.15 10.44 18.53
N PRO A 129 -1.87 9.42 19.03
CA PRO A 129 -3.10 9.66 19.81
C PRO A 129 -2.96 10.57 21.03
N THR A 130 -1.87 10.45 21.79
CA THR A 130 -1.67 11.35 22.95
C THR A 130 -0.82 12.58 22.64
N ALA A 131 -0.79 12.98 21.38
CA ALA A 131 -0.03 14.15 20.98
C ALA A 131 -0.58 15.40 21.67
N PRO A 132 0.32 16.31 22.06
CA PRO A 132 -0.14 17.59 22.62
C PRO A 132 -1.02 18.32 21.60
N ASP A 133 -2.17 18.80 22.07
CA ASP A 133 -3.19 19.43 21.23
C ASP A 133 -3.77 18.46 20.20
N GLY A 134 -3.78 17.17 20.53
CA GLY A 134 -4.40 16.15 19.68
C GLY A 134 -3.53 15.82 18.48
N PRO A 135 -3.78 14.68 17.82
CA PRO A 135 -3.03 14.28 16.62
C PRO A 135 -3.29 15.12 15.35
N PHE A 136 -4.31 15.95 15.35
CA PHE A 136 -4.64 16.77 14.20
C PHE A 136 -4.07 18.17 14.31
N SER A 137 -3.12 18.39 15.21
CA SER A 137 -2.34 19.63 15.19
C SER A 137 -0.94 19.37 14.72
N TRP A 138 -0.67 18.13 14.31
CA TRP A 138 0.66 17.70 13.90
C TRP A 138 0.81 17.53 12.41
N GLY A 139 -0.02 18.22 11.64
CA GLY A 139 0.15 18.21 10.19
C GLY A 139 1.54 18.69 9.80
N TYR A 140 2.01 18.36 8.62
CA TYR A 140 3.15 19.06 8.01
C TYR A 140 4.50 18.87 8.74
N CYS A 141 4.63 17.74 9.39
CA CYS A 141 5.80 17.40 10.14
C CYS A 141 6.93 16.89 9.22
N PHE A 142 6.58 16.25 8.09
CA PHE A 142 7.55 15.65 7.17
C PHE A 142 7.45 16.25 5.78
N LYS A 143 8.57 16.26 5.07
CA LYS A 143 8.58 16.75 3.70
C LYS A 143 9.12 15.73 2.71
N GLN A 144 9.49 14.54 3.20
CA GLN A 144 9.88 13.46 2.31
C GLN A 144 9.57 12.10 2.90
N GLU A 145 9.36 11.16 1.99
CA GLU A 145 8.98 9.81 2.32
C GLU A 145 10.02 9.17 3.22
N GLN A 146 9.60 8.61 4.36
CA GLN A 146 10.53 7.88 5.22
C GLN A 146 10.77 6.49 4.63
N ASN A 147 12.04 6.09 4.52
CA ASN A 147 12.43 4.73 4.13
C ASN A 147 11.83 4.31 2.81
N PRO A 148 12.01 5.11 1.77
CA PRO A 148 11.35 4.73 0.54
C PRO A 148 11.95 3.41 0.09
N PRO A 149 11.14 2.45 -0.38
CA PRO A 149 11.70 1.19 -0.84
C PRO A 149 12.21 1.24 -2.28
N SER A 150 12.13 2.40 -2.92
CA SER A 150 12.42 2.48 -4.34
C SER A 150 12.82 3.89 -4.74
N ASP A 151 13.30 4.03 -5.97
CA ASP A 151 13.52 5.33 -6.59
C ASP A 151 12.29 5.75 -7.38
N TYR A 152 11.29 4.87 -7.44
CA TYR A 152 10.00 5.21 -8.04
C TYR A 152 10.19 5.72 -9.44
N CYS A 153 11.10 5.09 -10.17
CA CYS A 153 11.34 5.46 -11.54
C CYS A 153 10.74 4.39 -12.42
N GLN A 154 9.69 4.75 -13.14
CA GLN A 154 9.09 3.87 -14.12
C GLN A 154 9.40 4.42 -15.52
N PRO A 155 10.40 3.83 -16.20
CA PRO A 155 10.90 4.47 -17.42
C PRO A 155 9.75 4.70 -18.38
N SER A 156 9.61 5.94 -18.84
CA SER A 156 8.54 6.30 -19.76
C SER A 156 9.17 7.16 -20.85
N PRO A 157 8.80 6.88 -22.13
CA PRO A 157 9.30 7.74 -23.22
C PRO A 157 8.90 9.20 -22.97
N GLU A 158 7.66 9.43 -22.52
CA GLU A 158 7.21 10.80 -22.25
C GLU A 158 7.97 11.50 -21.12
N TRP A 159 8.39 10.75 -20.10
CA TRP A 159 9.05 11.32 -18.93
C TRP A 159 10.25 10.47 -18.52
N PRO A 160 11.42 10.69 -19.13
CA PRO A 160 12.53 9.80 -18.79
C PRO A 160 13.00 10.07 -17.37
N CYS A 161 13.77 9.15 -16.80
CA CYS A 161 14.35 9.36 -15.49
C CYS A 161 15.77 9.87 -15.62
N ALA A 162 16.11 10.86 -14.81
CA ALA A 162 17.45 11.38 -14.77
C ALA A 162 18.35 10.44 -13.94
N PRO A 163 19.49 10.04 -14.49
CA PRO A 163 20.27 9.02 -13.80
C PRO A 163 20.71 9.49 -12.42
N GLY A 164 20.52 8.64 -11.41
CA GLY A 164 20.85 8.99 -10.03
C GLY A 164 19.74 9.72 -9.28
N ARG A 165 18.71 10.19 -10.00
CA ARG A 165 17.62 10.93 -9.38
C ARG A 165 16.51 10.02 -8.84
N LYS A 166 16.13 10.26 -7.59
CA LYS A 166 15.08 9.48 -6.94
C LYS A 166 13.76 10.25 -6.95
N TYR A 167 12.66 9.58 -7.24
CA TYR A 167 11.33 10.22 -7.28
C TYR A 167 10.37 9.72 -6.20
N TYR A 168 10.92 9.47 -5.02
CA TYR A 168 10.09 9.14 -3.85
C TYR A 168 9.29 10.36 -3.39
N GLY A 169 8.36 10.09 -2.48
CA GLY A 169 7.46 11.09 -1.93
C GLY A 169 8.15 12.32 -1.42
N ARG A 170 7.74 13.49 -1.92
CA ARG A 170 8.16 14.76 -1.35
C ARG A 170 7.02 15.76 -1.29
N GLY A 171 7.07 16.64 -0.31
CA GLY A 171 6.13 17.73 -0.18
C GLY A 171 4.81 17.39 0.46
N PRO A 172 3.86 18.36 0.47
CA PRO A 172 2.60 18.19 1.20
C PRO A 172 1.66 17.11 0.63
N ILE A 173 1.76 16.79 -0.66
CA ILE A 173 0.93 15.72 -1.26
C ILE A 173 1.75 14.46 -1.56
N GLN A 174 2.98 14.42 -1.06
CA GLN A 174 3.86 13.26 -1.23
C GLN A 174 3.95 12.83 -2.67
N LEU A 175 4.36 13.79 -3.49
CA LEU A 175 4.46 13.65 -4.92
C LEU A 175 5.45 12.52 -5.20
N SER A 176 5.05 11.59 -6.06
CA SER A 176 5.80 10.36 -6.24
C SER A 176 5.79 9.92 -7.68
N PHE A 177 6.91 9.35 -8.12
CA PHE A 177 7.08 8.78 -9.46
C PHE A 177 7.49 9.82 -10.51
N ASN A 178 8.48 9.45 -11.33
CA ASN A 178 8.87 10.31 -12.44
C ASN A 178 7.68 10.80 -13.24
N PHE A 179 6.61 10.00 -13.35
CA PHE A 179 5.50 10.40 -14.24
C PHE A 179 4.53 11.38 -13.57
N ASN A 180 4.81 11.76 -12.33
CA ASN A 180 4.10 12.87 -11.71
C ASN A 180 5.02 14.08 -11.47
N TYR A 181 6.31 13.84 -11.24
CA TYR A 181 7.27 14.95 -11.17
C TYR A 181 7.33 15.70 -12.53
N GLY A 182 7.43 14.96 -13.63
CA GLY A 182 7.42 15.54 -14.97
C GLY A 182 6.36 16.59 -15.22
N PRO A 183 5.06 16.18 -15.24
CA PRO A 183 3.91 17.06 -15.48
C PRO A 183 3.77 18.20 -14.46
N ALA A 184 4.03 17.89 -13.19
CA ALA A 184 4.07 18.92 -12.14
C ALA A 184 5.13 19.99 -12.47
N GLY A 185 6.26 19.58 -13.06
CA GLY A 185 7.36 20.49 -13.39
C GLY A 185 6.95 21.41 -14.52
N ARG A 186 6.48 20.79 -15.58
CA ARG A 186 6.01 21.55 -16.74
CA ARG A 186 5.98 21.51 -16.76
C ARG A 186 4.93 22.54 -16.32
N ALA A 187 3.89 22.08 -15.64
CA ALA A 187 2.79 22.95 -15.18
C ALA A 187 3.24 24.24 -14.47
N ILE A 188 4.33 24.16 -13.70
CA ILE A 188 4.81 25.27 -12.84
C ILE A 188 6.19 25.89 -13.26
N GLY A 189 6.75 25.45 -14.40
CA GLY A 189 7.97 26.04 -14.96
C GLY A 189 9.26 25.66 -14.25
N VAL A 190 9.37 24.43 -13.77
CA VAL A 190 10.57 23.98 -13.07
C VAL A 190 10.82 22.54 -13.48
N ASP A 191 12.03 22.23 -13.90
CA ASP A 191 12.35 20.89 -14.38
C ASP A 191 12.57 19.93 -13.18
N LEU A 192 11.49 19.27 -12.77
CA LEU A 192 11.45 18.42 -11.58
C LEU A 192 11.84 16.95 -11.93
N LEU A 193 11.95 16.69 -13.22
CA LEU A 193 12.45 15.42 -13.70
C LEU A 193 13.97 15.31 -13.42
N SER A 194 14.72 16.41 -13.63
CA SER A 194 16.17 16.44 -13.34
C SER A 194 16.47 16.87 -11.93
N ASN A 195 15.59 17.70 -11.36
CA ASN A 195 15.87 18.26 -10.02
C ASN A 195 14.75 17.97 -9.02
N PRO A 196 14.31 16.71 -8.91
CA PRO A 196 13.18 16.42 -8.03
C PRO A 196 13.35 16.85 -6.58
N ASP A 197 14.59 16.93 -6.10
CA ASP A 197 14.82 17.34 -4.71
C ASP A 197 14.40 18.74 -4.40
N LEU A 198 14.09 19.54 -5.42
CA LEU A 198 13.51 20.85 -5.18
C LEU A 198 12.19 20.79 -4.45
N VAL A 199 11.43 19.69 -4.61
CA VAL A 199 10.18 19.52 -3.87
C VAL A 199 10.43 19.40 -2.37
N ALA A 200 11.66 19.01 -1.97
CA ALA A 200 12.07 18.93 -0.53
C ALA A 200 13.04 20.03 -0.07
N THR A 201 13.60 20.81 -1.00
CA THR A 201 14.55 21.87 -0.61
C THR A 201 14.00 23.29 -0.79
N ASP A 202 13.04 23.46 -1.70
CA ASP A 202 12.39 24.76 -1.92
C ASP A 202 10.90 24.68 -1.50
N ALA A 203 10.53 25.39 -0.43
CA ALA A 203 9.16 25.29 0.11
C ALA A 203 8.08 25.85 -0.83
N THR A 204 8.45 26.78 -1.70
CA THR A 204 7.51 27.35 -2.66
C THR A 204 7.16 26.33 -3.76
N VAL A 205 8.18 25.76 -4.36
CA VAL A 205 7.99 24.63 -5.26
C VAL A 205 7.19 23.53 -4.53
N SER A 206 7.50 23.26 -3.26
CA SER A 206 6.91 22.15 -2.56
C SER A 206 5.40 22.31 -2.54
N PHE A 207 4.94 23.42 -1.96
CA PHE A 207 3.52 23.76 -1.95
C PHE A 207 2.95 23.80 -3.37
N LYS A 208 3.67 24.40 -4.31
CA LYS A 208 3.20 24.39 -5.70
C LYS A 208 2.81 23.00 -6.26
N THR A 209 3.59 21.98 -5.95
CA THR A 209 3.30 20.65 -6.50
C THR A 209 1.97 20.17 -5.87
N ALA A 210 1.83 20.38 -4.57
CA ALA A 210 0.58 20.05 -3.85
C ALA A 210 -0.62 20.75 -4.50
N LEU A 211 -0.48 22.04 -4.81
CA LEU A 211 -1.57 22.80 -5.43
C LEU A 211 -1.82 22.28 -6.83
N TRP A 212 -0.74 21.97 -7.56
CA TRP A 212 -0.89 21.42 -8.90
C TRP A 212 -1.80 20.20 -8.86
N PHE A 213 -1.57 19.31 -7.91
CA PHE A 213 -2.34 18.09 -7.79
C PHE A 213 -3.78 18.39 -7.41
N TRP A 214 -3.91 19.35 -6.51
CA TRP A 214 -5.23 19.78 -6.04
C TRP A 214 -6.10 20.36 -7.15
N MET A 215 -5.47 21.15 -8.02
CA MET A 215 -6.16 21.92 -9.07
C MET A 215 -6.27 21.19 -10.39
N THR A 216 -5.53 20.11 -10.57
CA THR A 216 -5.52 19.40 -11.83
C THR A 216 -6.38 18.11 -11.85
N PRO A 217 -7.32 18.01 -12.79
CA PRO A 217 -8.06 16.76 -12.94
C PRO A 217 -7.20 15.71 -13.65
N GLN A 218 -7.34 14.44 -13.26
CA GLN A 218 -6.52 13.32 -13.76
C GLN A 218 -7.41 12.21 -14.25
N GLY A 219 -7.36 11.92 -15.55
CA GLY A 219 -8.16 10.84 -16.11
C GLY A 219 -9.64 11.01 -15.85
N ASN A 220 -10.22 10.11 -15.06
CA ASN A 220 -11.67 10.11 -14.79
C ASN A 220 -12.02 10.79 -13.47
N LYS A 221 -11.00 11.26 -12.76
CA LYS A 221 -11.21 11.94 -11.51
C LYS A 221 -11.25 13.43 -11.80
N PRO A 222 -12.23 14.17 -11.22
CA PRO A 222 -12.18 15.61 -11.28
C PRO A 222 -11.08 16.14 -10.39
N SER A 223 -10.84 17.44 -10.45
CA SER A 223 -9.97 18.07 -9.49
C SER A 223 -10.62 18.08 -8.10
N SER A 224 -9.79 17.90 -7.06
CA SER A 224 -10.21 18.14 -5.69
C SER A 224 -10.85 19.53 -5.55
N HIS A 225 -10.24 20.48 -6.25
CA HIS A 225 -10.68 21.85 -6.26
C HIS A 225 -12.12 22.02 -6.79
N ASP A 226 -12.50 21.29 -7.84
CA ASP A 226 -13.87 21.38 -8.33
C ASP A 226 -14.85 20.65 -7.45
N VAL A 227 -14.39 19.68 -6.69
CA VAL A 227 -15.28 19.02 -5.77
C VAL A 227 -15.58 19.96 -4.62
N ILE A 228 -14.56 20.55 -4.04
CA ILE A 228 -14.76 21.34 -2.84
C ILE A 228 -15.47 22.70 -3.10
N THR A 229 -15.25 23.27 -4.29
CA THR A 229 -15.90 24.53 -4.67
C THR A 229 -17.30 24.32 -5.24
N GLY A 230 -17.74 23.06 -5.36
CA GLY A 230 -19.09 22.75 -5.81
C GLY A 230 -19.23 22.73 -7.31
N ARG A 231 -18.14 22.79 -8.06
CA ARG A 231 -18.25 22.80 -9.53
C ARG A 231 -18.50 21.39 -10.05
N TRP A 232 -18.11 20.37 -9.29
CA TRP A 232 -18.20 19.00 -9.79
C TRP A 232 -19.61 18.42 -9.72
N ALA A 233 -20.09 17.93 -10.87
CA ALA A 233 -21.38 17.26 -11.04
C ALA A 233 -21.10 15.77 -11.21
N PRO A 234 -21.48 14.95 -10.22
CA PRO A 234 -21.38 13.50 -10.39
C PRO A 234 -22.04 12.99 -11.67
N SER A 235 -21.44 11.98 -12.28
CA SER A 235 -22.02 11.29 -13.42
C SER A 235 -23.09 10.31 -12.90
N PRO A 236 -23.69 9.49 -13.81
CA PRO A 236 -24.67 8.54 -13.26
C PRO A 236 -23.89 7.42 -12.56
N ALA A 237 -22.75 7.06 -13.16
CA ALA A 237 -21.84 6.05 -12.65
C ALA A 237 -21.10 6.50 -11.36
N ASP A 238 -21.24 7.77 -10.97
CA ASP A 238 -20.74 8.21 -9.67
C ASP A 238 -21.77 7.92 -8.60
N ALA A 239 -23.03 8.30 -8.88
CA ALA A 239 -24.15 7.98 -8.00
C ALA A 239 -24.19 6.45 -7.73
N ALA A 240 -24.20 5.65 -8.81
CA ALA A 240 -24.10 4.20 -8.71
C ALA A 240 -23.07 3.84 -7.65
N ALA A 241 -21.80 4.17 -7.95
CA ALA A 241 -20.65 3.89 -7.08
C ALA A 241 -20.62 4.59 -5.71
N GLY A 242 -21.63 5.38 -5.34
CA GLY A 242 -21.68 6.02 -3.99
C GLY A 242 -21.00 7.38 -3.82
N ARG A 243 -20.36 7.84 -4.89
CA ARG A 243 -19.53 9.05 -4.87
C ARG A 243 -20.38 10.29 -5.01
N ALA A 244 -20.55 11.00 -3.91
CA ALA A 244 -21.33 12.21 -3.88
C ALA A 244 -20.46 13.35 -3.32
N PRO A 245 -20.71 14.60 -3.75
CA PRO A 245 -19.83 15.70 -3.42
C PRO A 245 -19.53 15.75 -1.95
N GLY A 246 -18.26 15.96 -1.61
CA GLY A 246 -17.85 16.25 -0.26
C GLY A 246 -16.42 15.83 -0.09
N TYR A 247 -15.89 15.98 1.11
CA TYR A 247 -14.50 15.64 1.41
C TYR A 247 -14.17 14.15 1.15
N GLY A 248 -15.18 13.31 1.17
CA GLY A 248 -15.01 11.89 0.91
C GLY A 248 -14.50 11.60 -0.48
N VAL A 249 -15.11 12.27 -1.45
CA VAL A 249 -14.68 12.12 -2.84
C VAL A 249 -13.25 12.57 -3.02
N ILE A 250 -12.81 13.56 -2.25
CA ILE A 250 -11.43 14.04 -2.36
C ILE A 250 -10.43 13.01 -1.78
N THR A 251 -10.80 12.35 -0.67
CA THR A 251 -10.02 11.23 -0.14
C THR A 251 -9.95 10.16 -1.22
N ASN A 252 -11.06 9.94 -1.89
CA ASN A 252 -11.09 9.01 -3.02
C ASN A 252 -10.16 9.43 -4.16
N ILE A 253 -10.14 10.72 -4.51
CA ILE A 253 -9.24 11.23 -5.55
C ILE A 253 -7.78 10.96 -5.12
N VAL A 254 -7.46 11.21 -3.85
CA VAL A 254 -6.10 11.19 -3.34
C VAL A 254 -5.50 9.77 -3.19
N ASN A 255 -6.26 8.83 -2.63
CA ASN A 255 -5.76 7.48 -2.34
C ASN A 255 -6.87 6.43 -2.19
N GLY A 256 -7.89 6.53 -3.04
CA GLY A 256 -9.11 5.74 -2.92
C GLY A 256 -8.92 4.26 -3.17
N GLY A 257 -8.03 3.94 -4.10
CA GLY A 257 -7.73 2.57 -4.46
C GLY A 257 -7.40 1.71 -3.24
N LEU A 258 -6.59 2.26 -2.35
CA LEU A 258 -6.26 1.65 -1.06
C LEU A 258 -7.30 1.82 0.05
N GLU A 259 -7.91 2.99 0.13
CA GLU A 259 -8.56 3.47 1.37
C GLU A 259 -10.08 3.52 1.35
N CYS A 260 -10.71 3.50 0.17
CA CYS A 260 -12.17 3.69 0.07
C CYS A 260 -12.93 2.43 -0.32
N GLY A 261 -14.19 2.38 0.05
CA GLY A 261 -15.09 1.31 -0.38
C GLY A 261 -15.10 0.05 0.46
N HIS A 262 -14.47 0.07 1.63
CA HIS A 262 -14.45 -1.14 2.46
C HIS A 262 -14.71 -0.84 3.91
N GLY A 263 -15.59 0.13 4.16
CA GLY A 263 -16.03 0.42 5.50
C GLY A 263 -15.08 1.31 6.26
N PRO A 264 -15.40 1.59 7.53
CA PRO A 264 -14.55 2.47 8.30
C PRO A 264 -13.07 2.13 8.17
N ASP A 265 -12.23 3.15 7.99
CA ASP A 265 -10.80 2.98 7.75
C ASP A 265 -10.07 4.10 8.48
N ASP A 266 -9.06 3.75 9.30
CA ASP A 266 -8.37 4.71 10.16
C ASP A 266 -7.62 5.75 9.37
N ARG A 267 -7.22 5.43 8.14
CA ARG A 267 -6.55 6.44 7.33
C ARG A 267 -7.52 7.51 6.84
N VAL A 268 -8.72 7.09 6.45
CA VAL A 268 -9.75 8.04 6.05
C VAL A 268 -10.14 8.82 7.30
N ALA A 269 -10.33 8.13 8.41
CA ALA A 269 -10.65 8.82 9.68
C ALA A 269 -9.68 9.96 10.02
N ASN A 270 -8.38 9.75 9.78
CA ASN A 270 -7.34 10.73 10.15
C ASN A 270 -7.43 11.97 9.24
N ARG A 271 -7.76 11.74 7.97
CA ARG A 271 -8.00 12.81 7.00
C ARG A 271 -9.20 13.67 7.43
N ILE A 272 -10.33 13.00 7.70
CA ILE A 272 -11.51 13.62 8.24
C ILE A 272 -11.14 14.42 9.49
N GLY A 273 -10.44 13.81 10.44
CA GLY A 273 -10.03 14.52 11.67
C GLY A 273 -9.37 15.89 11.48
N PHE A 274 -8.38 15.94 10.60
CA PHE A 274 -7.74 17.21 10.27
C PHE A 274 -8.78 18.20 9.72
N TYR A 275 -9.52 17.79 8.70
CA TYR A 275 -10.50 18.65 8.07
C TYR A 275 -11.50 19.32 9.05
N GLN A 276 -11.95 18.54 10.05
CA GLN A 276 -12.95 19.00 11.01
C GLN A 276 -12.36 20.04 11.89
N ARG A 277 -11.16 19.79 12.39
CA ARG A 277 -10.51 20.75 13.23
C ARG A 277 -10.26 22.06 12.49
N TYR A 278 -9.81 21.94 11.24
CA TYR A 278 -9.47 23.09 10.41
C TYR A 278 -10.70 23.91 10.11
N CYS A 279 -11.83 23.24 9.82
CA CYS A 279 -13.12 23.93 9.59
C CYS A 279 -13.63 24.62 10.87
N GLY A 280 -13.41 23.97 12.01
CA GLY A 280 -13.69 24.60 13.28
C GLY A 280 -12.88 25.88 13.49
N ALA A 281 -11.58 25.82 13.25
CA ALA A 281 -10.71 27.00 13.33
C ALA A 281 -11.22 28.10 12.43
N PHE A 282 -11.83 27.73 11.29
CA PHE A 282 -12.33 28.68 10.32
C PHE A 282 -13.75 29.18 10.66
N GLY A 283 -14.41 28.58 11.64
CA GLY A 283 -15.80 28.97 11.92
C GLY A 283 -16.76 28.66 10.78
N ILE A 284 -16.58 27.52 10.13
CA ILE A 284 -17.41 27.09 9.02
C ILE A 284 -17.77 25.64 9.23
N GLY A 285 -18.87 25.20 8.61
CA GLY A 285 -19.26 23.78 8.59
C GLY A 285 -18.45 22.99 7.56
N THR A 286 -18.44 21.67 7.70
CA THR A 286 -17.60 20.80 6.88
C THR A 286 -18.27 20.33 5.62
N GLY A 287 -19.60 20.47 5.56
CA GLY A 287 -20.35 19.86 4.47
C GLY A 287 -20.59 18.41 4.85
N GLY A 288 -21.32 17.68 4.03
CA GLY A 288 -21.62 16.29 4.33
C GLY A 288 -20.72 15.36 3.55
N ASN A 289 -21.06 14.06 3.57
CA ASN A 289 -20.26 13.00 2.92
C ASN A 289 -18.76 13.20 3.16
N LEU A 290 -18.41 13.27 4.45
CA LEU A 290 -17.04 13.37 4.90
C LEU A 290 -16.16 12.14 4.60
N ASP A 291 -16.78 10.98 4.34
CA ASP A 291 -16.04 9.72 4.19
C ASP A 291 -16.29 9.05 2.86
N CYS A 292 -15.42 8.08 2.56
CA CYS A 292 -15.56 7.26 1.38
C CYS A 292 -15.73 5.76 1.69
N TYR A 293 -16.27 5.46 2.86
CA TYR A 293 -16.41 4.06 3.34
C TYR A 293 -17.26 3.21 2.39
N ASN A 294 -18.31 3.80 1.83
CA ASN A 294 -19.15 3.09 0.85
C ASN A 294 -19.04 3.60 -0.59
N GLN A 295 -17.84 4.05 -0.99
CA GLN A 295 -17.61 4.58 -2.33
C GLN A 295 -16.73 3.60 -3.05
N ARG A 296 -17.15 3.16 -4.23
CA ARG A 296 -16.22 2.44 -5.08
C ARG A 296 -15.09 3.44 -5.35
N PRO A 297 -13.82 2.98 -5.30
CA PRO A 297 -12.72 3.82 -5.77
C PRO A 297 -12.86 4.27 -7.23
N PHE A 298 -12.39 5.49 -7.53
CA PHE A 298 -12.12 5.88 -8.94
C PHE A 298 -11.19 4.85 -9.59
N ASN A 299 -10.13 4.48 -8.90
CA ASN A 299 -9.29 3.36 -9.31
C ASN A 299 -10.01 2.00 -9.12
N PRO B 54 10.55 -41.23 -7.15
CA PRO B 54 10.42 -39.81 -6.77
C PRO B 54 10.17 -39.68 -5.26
N SER B 55 9.01 -39.14 -4.86
CA SER B 55 8.86 -38.37 -3.61
C SER B 55 7.40 -38.39 -3.09
N ASP B 56 7.22 -38.64 -1.78
CA ASP B 56 5.88 -38.87 -1.16
C ASP B 56 5.43 -37.75 -0.17
N GLY B 57 4.84 -36.72 -0.74
CA GLY B 57 4.48 -35.56 0.03
C GLY B 57 5.67 -34.71 0.39
N VAL B 58 5.35 -33.50 0.77
CA VAL B 58 6.30 -32.52 1.15
C VAL B 58 7.22 -33.00 2.28
N GLY B 59 6.74 -33.86 3.16
CA GLY B 59 7.55 -34.39 4.23
C GLY B 59 8.87 -35.02 3.79
N SER B 60 8.88 -35.67 2.63
CA SER B 60 10.10 -36.29 2.15
C SER B 60 11.01 -35.27 1.45
N ILE B 61 10.50 -34.12 1.07
CA ILE B 61 11.40 -33.14 0.44
C ILE B 61 11.87 -32.04 1.46
N VAL B 62 11.07 -31.83 2.52
CA VAL B 62 11.46 -30.96 3.61
C VAL B 62 11.26 -31.67 4.95
N PRO B 63 12.32 -32.29 5.47
CA PRO B 63 12.31 -32.93 6.77
C PRO B 63 12.20 -31.94 7.92
N ARG B 64 11.75 -32.40 9.06
CA ARG B 64 11.61 -31.55 10.22
C ARG B 64 12.79 -30.64 10.46
N ASP B 65 13.99 -31.20 10.52
CA ASP B 65 15.17 -30.44 10.92
C ASP B 65 15.45 -29.30 9.93
N LEU B 66 15.14 -29.52 8.66
CA LEU B 66 15.30 -28.48 7.62
C LEU B 66 14.26 -27.36 7.79
N PHE B 67 13.01 -27.75 8.04
CA PHE B 67 11.93 -26.81 8.30
C PHE B 67 12.34 -25.85 9.42
N GLU B 68 12.90 -26.42 10.48
CA GLU B 68 13.24 -25.67 11.67
C GLU B 68 14.42 -24.75 11.39
N ARG B 69 15.22 -25.07 10.40
CA ARG B 69 16.38 -24.28 10.13
C ARG B 69 16.02 -23.16 9.17
N LEU B 70 15.14 -23.46 8.20
CA LEU B 70 14.65 -22.43 7.30
C LEU B 70 13.95 -21.38 8.14
N LEU B 71 13.05 -21.78 9.02
CA LEU B 71 12.27 -20.78 9.75
C LEU B 71 12.82 -20.69 11.17
N LEU B 72 14.09 -20.25 11.23
CA LEU B 72 14.97 -20.37 12.40
C LEU B 72 14.46 -19.62 13.60
N HIS B 73 13.96 -18.41 13.39
CA HIS B 73 13.72 -17.48 14.49
C HIS B 73 12.25 -17.26 14.82
N ARG B 74 11.35 -17.93 14.11
CA ARG B 74 9.93 -17.72 14.31
C ARG B 74 9.46 -17.97 15.75
N ASN B 75 10.14 -18.85 16.46
CA ASN B 75 9.72 -19.20 17.83
C ASN B 75 10.49 -18.50 18.93
N ASP B 76 11.26 -17.49 18.57
CA ASP B 76 11.86 -16.57 19.53
C ASP B 76 10.82 -15.74 20.28
N GLY B 77 11.19 -15.31 21.50
CA GLY B 77 10.30 -14.50 22.33
C GLY B 77 9.81 -13.27 21.61
N ALA B 78 10.68 -12.77 20.72
CA ALA B 78 10.41 -11.59 19.88
C ALA B 78 9.22 -11.75 18.97
N CYS B 79 8.87 -12.98 18.62
CA CYS B 79 7.86 -13.25 17.60
C CYS B 79 6.49 -13.52 18.19
N PRO B 80 5.53 -12.62 17.90
CA PRO B 80 4.21 -12.79 18.48
C PRO B 80 3.53 -14.10 18.11
N ALA B 81 3.82 -14.66 16.93
CA ALA B 81 3.28 -15.97 16.53
C ALA B 81 4.01 -17.21 17.10
N ARG B 82 4.98 -17.04 18.00
CA ARG B 82 5.78 -18.18 18.52
CA ARG B 82 5.78 -18.18 18.47
C ARG B 82 4.92 -19.33 18.96
N GLY B 83 5.28 -20.55 18.59
CA GLY B 83 4.53 -21.74 18.96
C GLY B 83 3.49 -22.22 17.97
N PHE B 84 3.04 -21.32 17.07
CA PHE B 84 1.84 -21.51 16.24
C PHE B 84 2.14 -22.28 14.94
N TYR B 85 3.13 -21.81 14.18
CA TYR B 85 3.48 -22.43 12.91
C TYR B 85 4.32 -23.72 13.07
N THR B 86 3.65 -24.85 13.29
CA THR B 86 4.34 -26.12 13.50
C THR B 86 4.58 -26.86 12.21
N TYR B 87 5.67 -27.62 12.20
CA TYR B 87 5.99 -28.55 11.10
C TYR B 87 4.81 -29.49 10.83
N GLU B 88 4.14 -29.93 11.91
CA GLU B 88 2.94 -30.77 11.81
C GLU B 88 1.81 -30.06 11.07
N ALA B 89 1.61 -28.78 11.36
CA ALA B 89 0.53 -28.03 10.68
C ALA B 89 0.87 -27.87 9.21
N PHE B 90 2.16 -27.62 8.94
CA PHE B 90 2.63 -27.43 7.60
C PHE B 90 2.36 -28.70 6.81
N LEU B 91 2.85 -29.83 7.31
CA LEU B 91 2.58 -31.11 6.64
C LEU B 91 1.09 -31.43 6.49
N ALA B 92 0.28 -31.19 7.54
CA ALA B 92 -1.19 -31.47 7.43
C ALA B 92 -1.81 -30.64 6.32
N ALA B 93 -1.39 -29.38 6.18
CA ALA B 93 -2.01 -28.51 5.18
C ALA B 93 -1.52 -28.86 3.75
N ALA B 94 -0.20 -29.01 3.54
CA ALA B 94 0.31 -29.48 2.26
C ALA B 94 -0.41 -30.75 1.76
N ALA B 95 -0.66 -31.71 2.66
CA ALA B 95 -1.20 -32.99 2.24
C ALA B 95 -2.61 -32.87 1.65
N ALA B 96 -3.30 -31.75 1.96
CA ALA B 96 -4.62 -31.45 1.35
C ALA B 96 -4.45 -30.97 -0.08
N PHE B 97 -3.24 -30.59 -0.45
CA PHE B 97 -2.93 -30.10 -1.78
C PHE B 97 -1.77 -30.97 -2.33
N PRO B 98 -2.03 -32.24 -2.67
CA PRO B 98 -0.94 -33.14 -3.02
C PRO B 98 -0.14 -32.74 -4.26
N ALA B 99 -0.70 -31.90 -5.13
CA ALA B 99 0.05 -31.40 -6.28
C ALA B 99 1.19 -30.54 -5.77
N PHE B 100 0.98 -29.85 -4.64
CA PHE B 100 2.00 -28.99 -4.05
C PHE B 100 3.18 -29.79 -3.58
N GLY B 101 4.35 -29.48 -4.12
CA GLY B 101 5.57 -30.23 -3.82
C GLY B 101 5.54 -31.62 -4.42
N GLY B 102 4.59 -31.88 -5.34
CA GLY B 102 4.41 -33.19 -5.97
C GLY B 102 4.27 -33.11 -7.49
N THR B 103 4.76 -32.02 -8.08
CA THR B 103 4.71 -31.84 -9.52
C THR B 103 6.12 -31.57 -10.08
N GLY B 104 6.52 -32.35 -11.10
CA GLY B 104 7.84 -32.25 -11.70
C GLY B 104 8.84 -33.07 -10.92
N ASN B 105 10.13 -32.88 -11.25
CA ASN B 105 11.19 -33.72 -10.70
C ASN B 105 11.56 -33.22 -9.30
N THR B 106 12.52 -33.87 -8.67
CA THR B 106 12.82 -33.55 -7.31
C THR B 106 13.25 -32.09 -7.18
N GLU B 107 14.10 -31.59 -8.09
CA GLU B 107 14.58 -30.22 -8.08
C GLU B 107 13.35 -29.26 -8.05
N THR B 108 12.41 -29.45 -8.99
CA THR B 108 11.25 -28.55 -9.12
C THR B 108 10.36 -28.54 -7.87
N ARG B 109 10.18 -29.69 -7.25
CA ARG B 109 9.39 -29.80 -6.04
C ARG B 109 10.00 -28.97 -4.93
N LYS B 110 11.27 -29.20 -4.65
CA LYS B 110 12.05 -28.42 -3.72
C LYS B 110 11.96 -26.92 -4.00
N ARG B 111 12.03 -26.52 -5.27
CA ARG B 111 11.96 -25.11 -5.67
C ARG B 111 10.58 -24.52 -5.42
N GLU B 112 9.54 -25.35 -5.56
CA GLU B 112 8.18 -24.88 -5.28
C GLU B 112 8.08 -24.55 -3.78
N VAL B 113 8.53 -25.47 -2.92
CA VAL B 113 8.51 -25.24 -1.49
C VAL B 113 9.31 -23.98 -1.07
N ALA B 114 10.52 -23.83 -1.61
CA ALA B 114 11.42 -22.70 -1.34
C ALA B 114 10.70 -21.43 -1.75
N ALA B 115 10.07 -21.46 -2.92
CA ALA B 115 9.43 -20.28 -3.43
C ALA B 115 8.27 -19.88 -2.53
N PHE B 116 7.49 -20.89 -2.13
CA PHE B 116 6.33 -20.72 -1.27
C PHE B 116 6.70 -20.20 0.12
N LEU B 117 7.69 -20.81 0.75
CA LEU B 117 8.24 -20.28 2.01
C LEU B 117 8.86 -18.90 1.79
N GLY B 118 9.44 -18.65 0.63
CA GLY B 118 10.03 -17.35 0.37
C GLY B 118 9.01 -16.22 0.40
N GLN B 119 7.92 -16.39 -0.33
CA GLN B 119 6.90 -15.36 -0.44
C GLN B 119 6.18 -15.21 0.87
N THR B 120 5.86 -16.31 1.50
CA THR B 120 5.13 -16.26 2.76
C THR B 120 5.99 -15.72 3.92
N SER B 121 7.30 -15.99 3.87
CA SER B 121 8.19 -15.50 4.90
C SER B 121 8.22 -13.99 4.85
N HIS B 122 8.23 -13.44 3.65
CA HIS B 122 8.21 -12.00 3.50
C HIS B 122 6.92 -11.46 4.06
N GLU B 123 5.80 -12.08 3.71
CA GLU B 123 4.52 -11.60 4.18
C GLU B 123 4.41 -11.57 5.67
N THR B 124 5.25 -12.33 6.36
CA THR B 124 5.16 -12.50 7.79
C THR B 124 6.46 -12.24 8.51
N THR B 125 7.40 -11.56 7.86
CA THR B 125 8.73 -11.32 8.47
C THR B 125 8.76 -10.34 9.67
N GLY B 126 9.60 -10.65 10.66
CA GLY B 126 9.91 -9.79 11.81
C GLY B 126 11.38 -9.40 11.78
N GLY B 127 11.99 -9.54 10.61
CA GLY B 127 13.40 -9.22 10.43
C GLY B 127 13.75 -7.74 10.38
N TRP B 128 15.03 -7.45 10.57
CA TRP B 128 15.56 -6.12 10.42
C TRP B 128 17.04 -6.29 10.03
N PRO B 129 17.70 -5.20 9.58
CA PRO B 129 19.04 -5.33 8.98
C PRO B 129 20.10 -5.99 9.83
N THR B 130 20.04 -5.86 11.15
CA THR B 130 21.03 -6.50 12.02
C THR B 130 20.43 -7.65 12.81
N ALA B 131 19.34 -8.23 12.31
CA ALA B 131 18.72 -9.42 12.92
C ALA B 131 19.71 -10.59 12.96
N PRO B 132 19.72 -11.35 14.07
CA PRO B 132 20.72 -12.43 14.13
C PRO B 132 20.46 -13.49 13.05
N ASP B 133 21.54 -14.04 12.48
CA ASP B 133 21.46 -14.91 11.32
C ASP B 133 20.86 -14.22 10.08
N GLY B 134 20.73 -12.92 10.15
CA GLY B 134 20.35 -12.12 8.98
C GLY B 134 18.84 -12.05 8.83
N PRO B 135 18.36 -11.06 8.09
CA PRO B 135 16.93 -10.84 7.92
C PRO B 135 16.13 -11.97 7.27
N PHE B 136 16.81 -12.88 6.58
CA PHE B 136 16.14 -13.94 5.81
C PHE B 136 15.98 -15.22 6.61
N SER B 137 16.15 -15.14 7.91
CA SER B 137 15.87 -16.24 8.81
C SER B 137 14.73 -15.90 9.76
N TRP B 138 13.99 -14.83 9.42
CA TRP B 138 13.00 -14.25 10.31
C TRP B 138 11.58 -14.37 9.75
N GLY B 139 11.40 -15.28 8.79
CA GLY B 139 10.07 -15.62 8.31
C GLY B 139 9.11 -16.05 9.40
N TYR B 140 7.81 -15.92 9.12
CA TYR B 140 6.80 -16.59 9.94
C TYR B 140 6.76 -16.15 11.39
N CYS B 141 7.14 -14.91 11.60
CA CYS B 141 7.21 -14.31 12.91
C CYS B 141 5.82 -13.79 13.37
N PHE B 142 4.97 -13.38 12.46
CA PHE B 142 3.60 -12.87 12.73
CA PHE B 142 3.61 -13.01 12.86
C PHE B 142 2.54 -13.76 12.08
N LYS B 143 1.35 -13.80 12.65
CA LYS B 143 0.20 -14.51 12.06
C LYS B 143 -0.97 -13.58 11.85
N GLN B 144 -0.87 -12.32 12.23
CA GLN B 144 -1.93 -11.38 11.91
C GLN B 144 -1.40 -9.98 11.73
N GLU B 145 -2.07 -9.29 10.82
CA GLU B 145 -1.70 -7.96 10.47
C GLU B 145 -1.57 -7.07 11.71
N GLN B 146 -0.58 -6.22 11.69
CA GLN B 146 -0.36 -5.27 12.77
C GLN B 146 -1.04 -3.95 12.52
N ASN B 147 -1.80 -3.48 13.49
CA ASN B 147 -2.48 -2.20 13.35
C ASN B 147 -3.24 -2.16 12.02
N PRO B 148 -4.18 -3.09 11.85
CA PRO B 148 -4.94 -3.06 10.63
C PRO B 148 -5.72 -1.74 10.59
N PRO B 149 -5.71 -1.02 9.46
CA PRO B 149 -6.53 0.20 9.37
C PRO B 149 -8.04 -0.04 9.20
N SER B 150 -8.46 -1.28 8.89
CA SER B 150 -9.89 -1.54 8.78
C SER B 150 -10.26 -3.01 9.07
N ASP B 151 -11.56 -3.30 9.04
CA ASP B 151 -12.07 -4.68 9.10
C ASP B 151 -12.04 -5.36 7.72
N TYR B 152 -11.76 -4.57 6.68
CA TYR B 152 -11.54 -5.13 5.34
C TYR B 152 -12.81 -5.80 4.85
N CYS B 153 -13.93 -5.13 5.08
CA CYS B 153 -15.16 -5.65 4.58
C CYS B 153 -15.62 -4.89 3.34
N GLN B 154 -15.51 -5.54 2.20
CA GLN B 154 -15.96 -5.00 0.93
C GLN B 154 -17.20 -5.75 0.45
N PRO B 155 -18.34 -5.03 0.37
CA PRO B 155 -19.60 -5.53 -0.17
C PRO B 155 -19.48 -6.50 -1.34
N SER B 156 -20.16 -7.62 -1.22
CA SER B 156 -20.02 -8.74 -2.15
C SER B 156 -21.26 -9.65 -2.06
N PRO B 157 -22.04 -9.71 -3.14
CA PRO B 157 -23.22 -10.56 -3.06
C PRO B 157 -22.79 -12.04 -2.98
N GLU B 158 -21.67 -12.38 -3.62
CA GLU B 158 -21.14 -13.75 -3.54
C GLU B 158 -20.53 -14.09 -2.17
N TRP B 159 -19.86 -13.15 -1.51
CA TRP B 159 -19.19 -13.41 -0.24
C TRP B 159 -19.54 -12.35 0.79
N PRO B 160 -20.78 -12.37 1.27
CA PRO B 160 -21.25 -11.33 2.20
C PRO B 160 -20.46 -11.30 3.49
N CYS B 161 -20.13 -10.11 3.98
CA CYS B 161 -19.45 -10.00 5.27
C CYS B 161 -20.39 -10.42 6.37
N ALA B 162 -19.86 -11.12 7.37
CA ALA B 162 -20.64 -11.54 8.49
C ALA B 162 -20.54 -10.46 9.54
N PRO B 163 -21.64 -10.13 10.24
CA PRO B 163 -21.64 -9.07 11.29
C PRO B 163 -20.53 -9.14 12.34
N GLY B 164 -19.75 -8.08 12.45
CA GLY B 164 -18.71 -7.97 13.47
C GLY B 164 -17.39 -8.60 13.05
N ARG B 165 -17.37 -9.34 11.95
CA ARG B 165 -16.18 -10.07 11.54
C ARG B 165 -15.17 -9.09 10.93
N LYS B 166 -13.90 -9.30 11.26
CA LYS B 166 -12.80 -8.54 10.72
C LYS B 166 -11.99 -9.46 9.79
N TYR B 167 -11.83 -9.08 8.53
CA TYR B 167 -11.03 -9.82 7.54
C TYR B 167 -9.66 -9.17 7.27
N TYR B 168 -9.00 -8.67 8.29
CA TYR B 168 -7.64 -8.21 8.16
C TYR B 168 -6.69 -9.40 7.93
N GLY B 169 -5.44 -9.07 7.61
CA GLY B 169 -4.45 -10.05 7.25
C GLY B 169 -4.28 -11.14 8.27
N ARG B 170 -4.29 -12.39 7.84
CA ARG B 170 -3.92 -13.51 8.71
C ARG B 170 -3.17 -14.63 7.99
N GLY B 171 -2.27 -15.26 8.73
CA GLY B 171 -1.54 -16.40 8.22
C GLY B 171 -0.44 -16.02 7.23
N PRO B 172 0.20 -17.06 6.68
CA PRO B 172 1.42 -16.90 5.93
C PRO B 172 1.29 -16.08 4.67
N ILE B 173 0.12 -16.01 4.06
CA ILE B 173 -0.02 -15.13 2.89
C ILE B 173 -0.77 -13.87 3.31
N GLN B 174 -0.96 -13.69 4.61
CA GLN B 174 -1.73 -12.59 5.14
CA GLN B 174 -1.68 -12.52 5.08
C GLN B 174 -3.00 -12.38 4.32
N LEU B 175 -3.84 -13.42 4.35
CA LEU B 175 -5.16 -13.42 3.72
C LEU B 175 -6.01 -12.21 4.17
N SER B 176 -6.63 -11.51 3.23
CA SER B 176 -7.34 -10.27 3.53
C SER B 176 -8.58 -10.12 2.70
N PHE B 177 -9.57 -9.46 3.30
CA PHE B 177 -10.88 -9.16 2.70
C PHE B 177 -11.78 -10.38 2.65
N ASN B 178 -13.07 -10.17 2.91
CA ASN B 178 -14.10 -11.21 2.79
C ASN B 178 -14.17 -11.92 1.45
N PHE B 179 -13.93 -11.20 0.35
CA PHE B 179 -14.03 -11.83 -0.96
C PHE B 179 -12.85 -12.79 -1.22
N ASN B 180 -11.89 -12.83 -0.28
CA ASN B 180 -10.83 -13.84 -0.30
C ASN B 180 -11.03 -14.91 0.78
N TYR B 181 -11.43 -14.51 1.98
CA TYR B 181 -11.68 -15.49 3.03
C TYR B 181 -12.80 -16.44 2.58
N GLY B 182 -13.75 -15.90 1.83
CA GLY B 182 -14.83 -16.64 1.22
C GLY B 182 -14.39 -17.86 0.43
N PRO B 183 -13.79 -17.64 -0.76
CA PRO B 183 -13.31 -18.79 -1.59
C PRO B 183 -12.27 -19.67 -0.92
N ALA B 184 -11.46 -19.11 -0.01
CA ALA B 184 -10.44 -19.92 0.70
C ALA B 184 -11.12 -20.93 1.60
N GLY B 185 -11.97 -20.45 2.50
CA GLY B 185 -12.76 -21.32 3.38
C GLY B 185 -13.54 -22.38 2.62
N ARG B 186 -14.10 -21.97 1.50
CA ARG B 186 -14.78 -22.86 0.57
C ARG B 186 -13.91 -24.03 0.15
N ALA B 187 -12.73 -23.72 -0.37
CA ALA B 187 -11.78 -24.71 -0.90
C ALA B 187 -11.21 -25.61 0.16
N ILE B 188 -11.21 -25.20 1.41
CA ILE B 188 -10.64 -26.07 2.43
C ILE B 188 -11.69 -26.66 3.33
N GLY B 189 -12.96 -26.31 3.09
CA GLY B 189 -14.07 -26.85 3.84
C GLY B 189 -14.26 -26.27 5.23
N VAL B 190 -14.00 -24.98 5.39
CA VAL B 190 -14.27 -24.27 6.67
C VAL B 190 -14.94 -22.94 6.36
N ASP B 191 -15.88 -22.51 7.18
CA ASP B 191 -16.62 -21.30 6.86
C ASP B 191 -15.82 -20.15 7.42
N LEU B 192 -15.00 -19.52 6.58
CA LEU B 192 -14.08 -18.47 7.02
C LEU B 192 -14.72 -17.07 6.90
N LEU B 193 -15.84 -17.00 6.17
CA LEU B 193 -16.72 -15.82 6.18
C LEU B 193 -17.25 -15.60 7.61
N SER B 194 -17.62 -16.67 8.31
CA SER B 194 -18.14 -16.56 9.68
C SER B 194 -17.09 -16.66 10.74
N ASN B 195 -16.04 -17.46 10.53
CA ASN B 195 -14.96 -17.61 11.50
CA ASN B 195 -14.94 -17.52 11.53
C ASN B 195 -13.56 -17.28 10.93
N PRO B 196 -13.34 -16.03 10.48
CA PRO B 196 -12.05 -15.68 9.90
C PRO B 196 -10.88 -15.82 10.87
N ASP B 197 -11.17 -15.68 12.15
CA ASP B 197 -10.11 -15.86 13.15
C ASP B 197 -9.49 -17.25 13.17
N LEU B 198 -10.15 -18.25 12.58
CA LEU B 198 -9.52 -19.58 12.44
C LEU B 198 -8.16 -19.52 11.75
N VAL B 199 -8.00 -18.57 10.82
CA VAL B 199 -6.75 -18.38 10.10
C VAL B 199 -5.61 -17.92 11.04
N ALA B 200 -5.94 -17.40 12.22
CA ALA B 200 -4.96 -16.98 13.24
C ALA B 200 -4.92 -17.89 14.46
N THR B 201 -5.89 -18.79 14.61
CA THR B 201 -5.92 -19.65 15.77
C THR B 201 -5.68 -21.09 15.48
N ASP B 202 -5.80 -21.50 14.22
CA ASP B 202 -5.57 -22.90 13.85
C ASP B 202 -4.54 -22.95 12.75
N ALA B 203 -3.39 -23.56 13.04
CA ALA B 203 -2.21 -23.40 12.16
C ALA B 203 -2.38 -24.20 10.87
N THR B 204 -3.10 -25.31 10.96
CA THR B 204 -3.34 -26.14 9.79
C THR B 204 -4.19 -25.37 8.81
N VAL B 205 -5.25 -24.76 9.32
CA VAL B 205 -6.10 -23.88 8.52
C VAL B 205 -5.26 -22.72 7.96
N SER B 206 -4.34 -22.21 8.75
CA SER B 206 -3.62 -21.01 8.37
C SER B 206 -2.76 -21.34 7.18
N PHE B 207 -2.04 -22.46 7.26
CA PHE B 207 -1.23 -22.91 6.13
C PHE B 207 -2.11 -23.21 4.92
N LYS B 208 -3.25 -23.87 5.15
CA LYS B 208 -4.14 -24.15 4.02
C LYS B 208 -4.57 -22.94 3.19
N THR B 209 -4.83 -21.82 3.86
CA THR B 209 -5.21 -20.57 3.18
C THR B 209 -4.10 -20.04 2.29
N ALA B 210 -2.87 -20.10 2.80
CA ALA B 210 -1.70 -19.77 2.01
C ALA B 210 -1.60 -20.72 0.82
N LEU B 211 -1.79 -22.02 1.04
CA LEU B 211 -1.68 -22.99 -0.07
C LEU B 211 -2.81 -22.77 -1.09
N TRP B 212 -3.98 -22.41 -0.59
CA TRP B 212 -5.07 -22.12 -1.50
C TRP B 212 -4.65 -21.01 -2.44
N PHE B 213 -4.10 -19.94 -1.90
CA PHE B 213 -3.64 -18.82 -2.72
C PHE B 213 -2.60 -19.26 -3.71
N TRP B 214 -1.67 -20.06 -3.22
CA TRP B 214 -0.59 -20.49 -4.03
C TRP B 214 -1.09 -21.29 -5.27
N MET B 215 -2.10 -22.14 -5.07
CA MET B 215 -2.56 -23.09 -6.11
C MET B 215 -3.68 -22.61 -7.03
N THR B 216 -4.08 -21.34 -6.92
CA THR B 216 -5.32 -20.87 -7.51
C THR B 216 -5.11 -19.67 -8.43
N PRO B 217 -5.39 -19.85 -9.74
CA PRO B 217 -5.37 -18.71 -10.68
C PRO B 217 -6.44 -17.75 -10.30
N GLN B 218 -6.25 -16.46 -10.63
CA GLN B 218 -7.29 -15.47 -10.47
C GLN B 218 -7.22 -14.44 -11.59
N GLY B 219 -8.35 -14.24 -12.28
CA GLY B 219 -8.41 -13.35 -13.44
C GLY B 219 -7.26 -13.66 -14.39
N ASN B 220 -6.48 -12.62 -14.70
CA ASN B 220 -5.35 -12.75 -15.62
C ASN B 220 -4.10 -13.38 -14.99
N LYS B 221 -4.14 -13.65 -13.68
CA LYS B 221 -2.98 -14.28 -12.98
C LYS B 221 -3.06 -15.83 -13.02
N PRO B 222 -1.96 -16.49 -13.40
CA PRO B 222 -1.90 -17.93 -13.21
C PRO B 222 -1.65 -18.23 -11.73
N SER B 223 -1.75 -19.51 -11.35
CA SER B 223 -1.36 -19.87 -10.03
C SER B 223 0.15 -19.71 -9.96
N SER B 224 0.62 -19.39 -8.77
CA SER B 224 2.03 -19.37 -8.47
C SER B 224 2.65 -20.76 -8.63
N HIS B 225 1.87 -21.77 -8.22
CA HIS B 225 2.17 -23.17 -8.49
C HIS B 225 2.54 -23.43 -9.97
N ASP B 226 1.70 -23.01 -10.91
CA ASP B 226 1.98 -23.30 -12.32
C ASP B 226 3.29 -22.66 -12.83
N VAL B 227 3.55 -21.44 -12.38
CA VAL B 227 4.75 -20.74 -12.78
C VAL B 227 5.95 -21.54 -12.32
N ILE B 228 6.05 -21.80 -11.03
CA ILE B 228 7.26 -22.35 -10.46
C ILE B 228 7.50 -23.80 -10.87
N THR B 229 6.47 -24.50 -11.31
CA THR B 229 6.65 -25.88 -11.81
C THR B 229 6.88 -25.93 -13.31
N GLY B 230 6.86 -24.76 -13.96
CA GLY B 230 7.00 -24.69 -15.40
C GLY B 230 5.76 -25.04 -16.22
N ARG B 231 4.58 -25.13 -15.60
CA ARG B 231 3.35 -25.45 -16.32
C ARG B 231 2.78 -24.25 -17.03
N TRP B 232 3.25 -23.05 -16.68
CA TRP B 232 2.70 -21.81 -17.24
C TRP B 232 3.59 -21.26 -18.31
N ALA B 233 3.04 -20.96 -19.49
CA ALA B 233 3.77 -20.17 -20.50
C ALA B 233 3.12 -18.80 -20.73
N PRO B 234 3.93 -17.74 -20.72
CA PRO B 234 3.32 -16.42 -20.92
C PRO B 234 2.57 -16.31 -22.26
N SER B 235 1.39 -15.67 -22.23
CA SER B 235 0.71 -15.24 -23.45
C SER B 235 1.47 -14.06 -24.06
N PRO B 236 1.24 -13.74 -25.37
CA PRO B 236 2.00 -12.60 -25.93
C PRO B 236 1.82 -11.31 -25.12
N ALA B 237 0.63 -11.10 -24.55
CA ALA B 237 0.39 -9.98 -23.64
C ALA B 237 1.38 -9.98 -22.44
N ASP B 238 1.61 -11.16 -21.85
CA ASP B 238 2.58 -11.30 -20.77
C ASP B 238 3.97 -10.96 -21.27
N ALA B 239 4.32 -11.51 -22.43
CA ALA B 239 5.64 -11.31 -23.04
C ALA B 239 5.94 -9.82 -23.24
N ALA B 240 4.93 -9.06 -23.64
CA ALA B 240 5.07 -7.65 -23.90
C ALA B 240 4.93 -6.87 -22.62
N ALA B 241 4.59 -7.55 -21.54
CA ALA B 241 4.52 -6.90 -20.25
C ALA B 241 5.81 -7.20 -19.47
N GLY B 242 6.70 -7.99 -20.07
CA GLY B 242 7.98 -8.37 -19.47
C GLY B 242 7.91 -9.55 -18.51
N ARG B 243 6.80 -10.30 -18.52
CA ARG B 243 6.57 -11.34 -17.54
C ARG B 243 7.05 -12.68 -18.06
N ALA B 244 8.29 -13.05 -17.79
CA ALA B 244 8.81 -14.36 -18.12
C ALA B 244 8.79 -15.28 -16.88
N PRO B 245 8.72 -16.61 -17.11
CA PRO B 245 8.62 -17.54 -15.97
C PRO B 245 9.74 -17.36 -14.95
N GLY B 246 9.33 -17.20 -13.70
CA GLY B 246 10.27 -17.24 -12.58
C GLY B 246 9.65 -16.66 -11.34
N TYR B 247 10.46 -16.56 -10.30
CA TYR B 247 10.07 -15.97 -9.02
C TYR B 247 9.47 -14.55 -9.15
N GLY B 248 9.96 -13.76 -10.11
CA GLY B 248 9.42 -12.44 -10.30
C GLY B 248 7.94 -12.39 -10.60
N VAL B 249 7.46 -13.30 -11.45
CA VAL B 249 6.03 -13.33 -11.76
C VAL B 249 5.22 -13.64 -10.49
N ILE B 250 5.78 -14.49 -9.62
CA ILE B 250 5.10 -14.89 -8.39
C ILE B 250 4.94 -13.66 -7.49
N THR B 251 6.00 -12.86 -7.37
CA THR B 251 5.96 -11.62 -6.62
C THR B 251 4.88 -10.70 -7.17
N ASN B 252 4.87 -10.60 -8.51
CA ASN B 252 3.88 -9.87 -9.30
C ASN B 252 2.50 -10.40 -8.99
N ILE B 253 2.34 -11.74 -9.00
CA ILE B 253 1.06 -12.35 -8.56
C ILE B 253 0.65 -11.91 -7.14
N VAL B 254 1.58 -11.97 -6.19
CA VAL B 254 1.30 -11.64 -4.79
C VAL B 254 0.94 -10.15 -4.56
N ASN B 255 1.79 -9.24 -5.01
CA ASN B 255 1.65 -7.79 -4.72
C ASN B 255 2.21 -6.90 -5.84
N GLY B 256 2.12 -7.34 -7.10
CA GLY B 256 2.64 -6.53 -8.22
C GLY B 256 2.11 -5.09 -8.29
N GLY B 257 0.86 -4.89 -7.91
CA GLY B 257 0.22 -3.59 -8.05
C GLY B 257 1.07 -2.50 -7.45
N LEU B 258 1.62 -2.80 -6.27
CA LEU B 258 2.50 -1.91 -5.53
C LEU B 258 4.01 -2.10 -5.75
N GLU B 259 4.45 -3.31 -6.07
CA GLU B 259 5.89 -3.65 -5.99
C GLU B 259 6.67 -3.69 -7.31
N CYS B 260 5.98 -3.97 -8.41
CA CYS B 260 6.64 -4.30 -9.66
C CYS B 260 6.57 -3.17 -10.68
N GLY B 261 7.49 -3.21 -11.64
CA GLY B 261 7.46 -2.30 -12.80
C GLY B 261 7.92 -0.86 -12.58
N HIS B 262 8.56 -0.58 -11.46
CA HIS B 262 9.15 0.75 -11.27
C HIS B 262 10.61 0.62 -10.82
N GLY B 263 11.32 -0.31 -11.45
CA GLY B 263 12.73 -0.52 -11.14
C GLY B 263 12.97 -1.08 -9.75
N PRO B 264 14.23 -1.18 -9.35
CA PRO B 264 14.54 -1.94 -8.13
C PRO B 264 13.69 -1.49 -6.93
N ASP B 265 13.34 -2.42 -6.04
CA ASP B 265 12.48 -2.18 -4.88
C ASP B 265 12.90 -3.12 -3.73
N ASP B 266 13.15 -2.57 -2.53
CA ASP B 266 13.64 -3.31 -1.37
C ASP B 266 12.69 -4.46 -0.96
N ARG B 267 11.39 -4.25 -1.19
CA ARG B 267 10.40 -5.26 -0.86
C ARG B 267 10.51 -6.47 -1.75
N VAL B 268 10.72 -6.22 -3.04
CA VAL B 268 10.95 -7.32 -3.97
C VAL B 268 12.29 -7.99 -3.61
N ALA B 269 13.31 -7.21 -3.29
CA ALA B 269 14.63 -7.76 -2.95
C ALA B 269 14.56 -8.64 -1.71
N ASN B 270 13.68 -8.30 -0.77
CA ASN B 270 13.54 -9.09 0.48
C ASN B 270 12.87 -10.46 0.16
N ARG B 271 11.88 -10.43 -0.74
CA ARG B 271 11.31 -11.66 -1.23
C ARG B 271 12.42 -12.58 -1.79
N ILE B 272 13.39 -11.99 -2.48
CA ILE B 272 14.41 -12.77 -3.19
C ILE B 272 15.47 -13.32 -2.23
N GLY B 273 15.90 -12.49 -1.27
CA GLY B 273 16.78 -12.96 -0.23
C GLY B 273 16.25 -14.21 0.46
N PHE B 274 14.98 -14.19 0.82
CA PHE B 274 14.40 -15.34 1.47
C PHE B 274 14.57 -16.57 0.61
N TYR B 275 14.22 -16.41 -0.65
CA TYR B 275 14.18 -17.50 -1.59
C TYR B 275 15.59 -18.07 -1.92
N GLN B 276 16.57 -17.22 -2.20
CA GLN B 276 17.97 -17.62 -2.33
C GLN B 276 18.46 -18.33 -1.09
N ARG B 277 18.17 -17.79 0.08
CA ARG B 277 18.60 -18.49 1.28
C ARG B 277 18.07 -19.93 1.25
N TYR B 278 16.79 -20.07 0.94
CA TYR B 278 16.08 -21.34 1.02
C TYR B 278 16.51 -22.29 -0.10
N CYS B 279 16.54 -21.81 -1.33
CA CYS B 279 17.09 -22.62 -2.40
C CYS B 279 18.46 -23.16 -1.99
N GLY B 280 19.34 -22.29 -1.49
CA GLY B 280 20.62 -22.70 -0.95
C GLY B 280 20.49 -23.86 0.01
N ALA B 281 19.67 -23.71 1.04
CA ALA B 281 19.52 -24.77 2.01
C ALA B 281 18.95 -26.10 1.38
N PHE B 282 18.27 -25.99 0.24
CA PHE B 282 17.73 -27.13 -0.46
C PHE B 282 18.73 -27.81 -1.38
N GLY B 283 19.71 -27.05 -1.89
CA GLY B 283 20.78 -27.54 -2.74
C GLY B 283 20.44 -27.32 -4.19
N ILE B 284 19.61 -26.33 -4.49
CA ILE B 284 19.05 -26.18 -5.83
C ILE B 284 19.27 -24.78 -6.30
N GLY B 285 19.29 -24.57 -7.62
CA GLY B 285 19.28 -23.24 -8.16
C GLY B 285 17.93 -22.56 -7.97
N THR B 286 17.89 -21.28 -8.25
CA THR B 286 16.72 -20.44 -8.03
C THR B 286 15.99 -20.27 -9.33
N GLY B 287 16.68 -20.64 -10.41
CA GLY B 287 16.27 -20.24 -11.75
C GLY B 287 16.61 -18.76 -11.90
N GLY B 288 16.07 -18.14 -12.95
CA GLY B 288 16.33 -16.74 -13.22
C GLY B 288 15.04 -15.97 -13.27
N ASN B 289 15.11 -14.78 -13.87
CA ASN B 289 13.99 -13.84 -13.84
C ASN B 289 13.43 -13.74 -12.41
N LEU B 290 14.32 -13.48 -11.45
CA LEU B 290 13.96 -13.45 -10.02
C LEU B 290 13.22 -12.20 -9.56
N ASP B 291 13.33 -11.11 -10.30
CA ASP B 291 12.70 -9.85 -9.91
C ASP B 291 11.56 -9.49 -10.87
N CYS B 292 10.79 -8.46 -10.53
CA CYS B 292 9.72 -7.95 -11.40
C CYS B 292 9.84 -6.41 -11.56
N TYR B 293 11.09 -5.93 -11.48
CA TYR B 293 11.42 -4.53 -11.59
C TYR B 293 10.96 -3.94 -12.89
N ASN B 294 10.95 -4.76 -13.96
CA ASN B 294 10.61 -4.34 -15.30
C ASN B 294 9.37 -5.02 -15.90
N GLN B 295 8.51 -5.54 -15.04
CA GLN B 295 7.30 -6.21 -15.46
C GLN B 295 6.16 -5.28 -15.17
N ARG B 296 5.20 -5.20 -16.09
CA ARG B 296 3.93 -4.53 -15.80
C ARG B 296 3.17 -5.40 -14.79
N PRO B 297 2.63 -4.78 -13.74
CA PRO B 297 1.72 -5.47 -12.82
C PRO B 297 0.60 -6.20 -13.56
N PHE B 298 0.21 -7.36 -13.06
CA PHE B 298 -0.91 -8.13 -13.59
C PHE B 298 -2.22 -7.35 -13.46
N ASN B 299 -2.33 -6.45 -12.48
CA ASN B 299 -3.61 -5.86 -12.18
C ASN B 299 -3.82 -4.46 -12.80
#